data_6BLQ
#
_entry.id   6BLQ
#
_cell.length_a   39.274
_cell.length_b   112.733
_cell.length_c   62.172
_cell.angle_alpha   90.00
_cell.angle_beta   107.32
_cell.angle_gamma   90.00
#
_symmetry.space_group_name_H-M   'P 1 21 1'
#
loop_
_entity.id
_entity.type
_entity.pdbx_description
1 polymer 'H-2 class II histocompatibility antigen, A-D alpha chain'
2 polymer 'H2-Ab1 protein'
3 branched 2-acetamido-2-deoxy-beta-D-glucopyranose-(1-4)-2-acetamido-2-deoxy-beta-D-glucopyranose
4 non-polymer 2-acetamido-2-deoxy-beta-D-glucopyranose
5 non-polymer 'ISOPROPYL ALCOHOL'
6 non-polymer 1,2-ETHANEDIOL
7 water water
#
loop_
_entity_poly.entity_id
_entity_poly.type
_entity_poly.pdbx_seq_one_letter_code
_entity_poly.pdbx_strand_id
1 'polypeptide(L)'
;EDDIEADHVGFYGTTVYQSPGDIGQYTHEFDGDELFYVDLDKKKTVWRLPEFGQLILFEPQGGLQNIAAEKHNLGILTKR
SNFTPATNEAPQATVFPKSPVLLGQPNTLICFVDNIFPPVINITWLRNSKSVTDGVYETSFLVNRDHSFHKLSYLTFIPS
DDDIYDCKVEHWGLEEPVLKHWEPE
;
A
2 'polypeptide(L)'
;HLVERLYLVCGEEGAGGGSLVGGSGGGSERHFVHQFKGECYFTNGTQRIRLVTRYIYNREEYLRFDSDVGEYRAVTELGR
HSAEYYNKQYLERTRAELDTACRHNYEETEVPTSLRRLEQPNVAISLSRTEALNHHNTLVCSVTDFYPAKIKVRWFRNGQ
EETVGVSSTQLIRNGDWTFQVLVMLEMTPHQGEVYTCHVEHPSLKSPITVEWRAQGGLVPR
;
B
#
loop_
_chem_comp.id
_chem_comp.type
_chem_comp.name
_chem_comp.formula
EDO non-polymer 1,2-ETHANEDIOL 'C2 H6 O2'
IPA non-polymer 'ISOPROPYL ALCOHOL' 'C3 H8 O'
NAG D-saccharide, beta linking 2-acetamido-2-deoxy-beta-D-glucopyranose 'C8 H15 N O6'
#
# COMPACT_ATOMS: atom_id res chain seq x y z
N GLU A 1 13.85 3.64 -13.83
CA GLU A 1 14.11 3.57 -12.40
C GLU A 1 14.12 4.96 -11.75
N ASP A 2 13.09 5.75 -12.03
CA ASP A 2 13.02 7.13 -11.57
C ASP A 2 11.56 7.50 -11.33
N ASP A 3 11.28 8.04 -10.14
CA ASP A 3 9.91 8.37 -9.74
C ASP A 3 9.24 9.28 -10.76
N ILE A 4 7.92 9.11 -10.91
CA ILE A 4 7.09 10.10 -11.59
C ILE A 4 6.56 11.07 -10.53
N GLU A 5 6.67 12.36 -10.80
CA GLU A 5 6.25 13.38 -9.85
C GLU A 5 4.76 13.67 -10.00
N ALA A 6 4.02 13.61 -8.89
CA ALA A 6 2.59 13.89 -8.93
C ALA A 6 2.11 14.23 -7.52
N ASP A 7 1.00 14.96 -7.45
CA ASP A 7 0.37 15.24 -6.17
C ASP A 7 -0.34 14.00 -5.61
N HIS A 8 -0.95 13.20 -6.49
CA HIS A 8 -1.73 12.04 -6.08
C HIS A 8 -1.57 10.97 -7.14
N VAL A 9 -1.76 9.71 -6.74
CA VAL A 9 -1.68 8.61 -7.69
C VAL A 9 -2.74 7.58 -7.36
N GLY A 10 -3.58 7.25 -8.34
CA GLY A 10 -4.55 6.18 -8.19
C GLY A 10 -4.08 4.95 -8.96
N PHE A 11 -4.24 3.79 -8.36
CA PHE A 11 -4.08 2.51 -9.05
C PHE A 11 -5.48 1.99 -9.30
N TYR A 12 -5.94 2.07 -10.55
CA TYR A 12 -7.32 1.74 -10.89
C TYR A 12 -7.45 0.62 -11.93
N GLY A 13 -6.96 -0.59 -11.70
CA GLY A 13 -6.44 -1.03 -10.42
C GLY A 13 -5.16 -1.84 -10.66
N THR A 14 -4.96 -2.84 -9.82
CA THR A 14 -3.83 -3.74 -9.94
C THR A 14 -4.37 -5.16 -9.92
N THR A 15 -3.81 -6.00 -10.77
CA THR A 15 -4.25 -7.36 -10.98
C THR A 15 -3.03 -8.25 -10.88
N VAL A 16 -3.17 -9.38 -10.22
CA VAL A 16 -2.12 -10.38 -10.28
C VAL A 16 -2.79 -11.73 -10.42
N TYR A 17 -2.18 -12.62 -11.22
CA TYR A 17 -2.64 -13.98 -11.39
C TYR A 17 -1.44 -14.91 -11.45
N GLN A 18 -1.56 -16.11 -10.89
CA GLN A 18 -0.45 -17.04 -10.97
C GLN A 18 -0.98 -18.45 -11.15
N SER A 19 -0.11 -19.26 -11.74
CA SER A 19 -0.38 -20.65 -12.08
C SER A 19 0.84 -21.45 -11.64
N PRO A 20 0.65 -22.69 -11.18
CA PRO A 20 -0.64 -23.36 -10.98
C PRO A 20 -1.28 -22.88 -9.69
N GLY A 21 -2.50 -23.32 -9.43
CA GLY A 21 -3.20 -22.97 -8.22
C GLY A 21 -4.31 -21.98 -8.42
N ASP A 22 -4.33 -21.29 -9.56
CA ASP A 22 -5.41 -20.40 -9.95
C ASP A 22 -5.63 -19.35 -8.85
N ILE A 23 -4.54 -18.67 -8.46
CA ILE A 23 -4.58 -17.69 -7.38
C ILE A 23 -4.48 -16.30 -8.00
N GLY A 24 -5.39 -15.40 -7.63
CA GLY A 24 -5.36 -14.08 -8.20
C GLY A 24 -5.94 -13.07 -7.23
N GLN A 25 -5.73 -11.78 -7.55
CA GLN A 25 -6.29 -10.71 -6.72
C GLN A 25 -6.50 -9.49 -7.61
N TYR A 26 -7.47 -8.65 -7.24
CA TYR A 26 -7.78 -7.43 -7.96
C TYR A 26 -8.11 -6.36 -6.93
N THR A 27 -7.39 -5.22 -6.97
CA THR A 27 -7.62 -4.15 -6.01
C THR A 27 -7.53 -2.81 -6.71
N HIS A 28 -8.06 -1.78 -6.04
CA HIS A 28 -7.76 -0.39 -6.38
C HIS A 28 -7.09 0.25 -5.19
N GLU A 29 -6.19 1.20 -5.45
CA GLU A 29 -5.50 1.94 -4.39
C GLU A 29 -5.57 3.43 -4.72
N PHE A 30 -5.47 4.26 -3.69
CA PHE A 30 -5.33 5.69 -3.90
C PHE A 30 -4.27 6.20 -2.93
N ASP A 31 -3.26 6.89 -3.46
CA ASP A 31 -2.14 7.40 -2.68
C ASP A 31 -1.54 6.33 -1.77
N GLY A 32 -1.45 5.10 -2.28
CA GLY A 32 -0.78 4.01 -1.61
C GLY A 32 -1.61 3.22 -0.60
N ASP A 33 -2.90 3.50 -0.47
CA ASP A 33 -3.77 2.80 0.47
C ASP A 33 -4.88 2.08 -0.29
N GLU A 34 -5.30 0.94 0.25
CA GLU A 34 -6.25 0.07 -0.43
C GLU A 34 -7.66 0.65 -0.37
N LEU A 35 -8.30 0.81 -1.53
CA LEU A 35 -9.71 1.22 -1.53
C LEU A 35 -10.62 0.00 -1.36
N PHE A 36 -10.41 -1.04 -2.15
CA PHE A 36 -11.20 -2.26 -2.09
C PHE A 36 -10.43 -3.39 -2.75
N TYR A 37 -10.86 -4.61 -2.50
CA TYR A 37 -10.55 -5.72 -3.40
C TYR A 37 -11.84 -6.33 -3.89
N VAL A 38 -11.76 -7.08 -4.99
CA VAL A 38 -12.90 -7.86 -5.46
C VAL A 38 -12.68 -9.30 -5.03
N ASP A 39 -13.61 -9.83 -4.24
CA ASP A 39 -13.64 -11.25 -3.95
C ASP A 39 -14.01 -11.98 -5.24
N LEU A 40 -13.03 -12.68 -5.81
CA LEU A 40 -13.21 -13.23 -7.15
C LEU A 40 -14.09 -14.46 -7.13
N ASP A 41 -14.12 -15.19 -6.02
CA ASP A 41 -14.99 -16.35 -5.92
C ASP A 41 -16.42 -15.95 -5.57
N LYS A 42 -16.58 -14.96 -4.70
CA LYS A 42 -17.90 -14.49 -4.32
C LYS A 42 -18.44 -13.42 -5.26
N LYS A 43 -17.60 -12.90 -6.15
CA LYS A 43 -17.98 -11.85 -7.12
C LYS A 43 -18.59 -10.66 -6.39
N LYS A 44 -17.83 -10.11 -5.45
CA LYS A 44 -18.33 -8.98 -4.69
C LYS A 44 -17.19 -8.02 -4.32
N THR A 45 -17.53 -6.74 -4.22
CA THR A 45 -16.59 -5.70 -3.89
C THR A 45 -16.50 -5.59 -2.37
N VAL A 46 -15.29 -5.63 -1.83
CA VAL A 46 -15.07 -5.58 -0.40
C VAL A 46 -14.25 -4.33 -0.08
N TRP A 47 -14.91 -3.32 0.50
CA TRP A 47 -14.26 -2.05 0.79
C TRP A 47 -13.31 -2.15 1.99
N ARG A 48 -12.19 -1.42 1.93
CA ARG A 48 -11.19 -1.48 3.00
C ARG A 48 -11.72 -0.88 4.30
N LEU A 49 -12.47 0.20 4.20
CA LEU A 49 -13.21 0.76 5.31
C LEU A 49 -14.65 0.88 4.85
N PRO A 50 -15.62 0.46 5.67
CA PRO A 50 -17.01 0.39 5.17
C PRO A 50 -17.53 1.71 4.65
N GLU A 51 -17.04 2.84 5.19
N GLU A 51 -17.05 2.84 5.20
CA GLU A 51 -17.49 4.15 4.78
CA GLU A 51 -17.53 4.14 4.76
C GLU A 51 -17.21 4.45 3.31
C GLU A 51 -17.28 4.38 3.27
N PHE A 52 -16.24 3.75 2.70
CA PHE A 52 -15.89 4.03 1.30
C PHE A 52 -17.04 3.70 0.35
N GLY A 53 -17.87 2.71 0.69
CA GLY A 53 -18.91 2.26 -0.20
C GLY A 53 -20.27 2.87 0.05
N GLN A 54 -20.35 3.88 0.91
CA GLN A 54 -21.65 4.47 1.25
C GLN A 54 -22.20 5.30 0.10
N LEU A 55 -21.33 6.00 -0.63
CA LEU A 55 -21.78 6.84 -1.75
C LEU A 55 -21.29 6.35 -3.11
N ILE A 56 -20.44 5.33 -3.14
CA ILE A 56 -19.70 4.93 -4.32
C ILE A 56 -19.88 3.44 -4.52
N LEU A 57 -20.02 3.01 -5.78
CA LEU A 57 -20.05 1.61 -6.16
C LEU A 57 -18.83 1.25 -7.00
N PHE A 58 -18.42 -0.02 -6.94
CA PHE A 58 -17.56 -0.61 -7.96
C PHE A 58 -18.18 -1.93 -8.37
N GLU A 59 -18.45 -2.08 -9.66
CA GLU A 59 -19.01 -3.33 -10.18
C GLU A 59 -17.95 -4.42 -10.19
N PRO A 60 -18.16 -5.53 -9.50
CA PRO A 60 -17.11 -6.57 -9.43
C PRO A 60 -16.74 -7.14 -10.78
N GLN A 61 -17.61 -7.01 -11.79
CA GLN A 61 -17.28 -7.49 -13.13
C GLN A 61 -15.99 -6.92 -13.66
N GLY A 62 -15.65 -5.68 -13.30
CA GLY A 62 -14.39 -5.13 -13.74
C GLY A 62 -13.20 -5.94 -13.25
N GLY A 63 -13.28 -6.44 -12.01
CA GLY A 63 -12.21 -7.28 -11.50
C GLY A 63 -12.18 -8.64 -12.17
N LEU A 64 -13.36 -9.20 -12.45
CA LEU A 64 -13.42 -10.46 -13.18
C LEU A 64 -12.85 -10.31 -14.58
N GLN A 65 -13.08 -9.16 -15.23
CA GLN A 65 -12.54 -8.91 -16.57
C GLN A 65 -11.03 -8.87 -16.55
N ASN A 66 -10.46 -8.15 -15.58
CA ASN A 66 -9.01 -8.03 -15.52
C ASN A 66 -8.38 -9.39 -15.22
N ILE A 67 -9.00 -10.19 -14.36
CA ILE A 67 -8.41 -11.48 -13.99
C ILE A 67 -8.47 -12.43 -15.18
N ALA A 68 -9.58 -12.43 -15.92
CA ALA A 68 -9.66 -13.26 -17.12
C ALA A 68 -8.59 -12.88 -18.14
N ALA A 69 -8.42 -11.57 -18.36
CA ALA A 69 -7.40 -11.12 -19.30
C ALA A 69 -6.01 -11.51 -18.82
N GLU A 70 -5.76 -11.39 -17.51
CA GLU A 70 -4.44 -11.75 -17.00
C GLU A 70 -4.16 -13.24 -17.07
N LYS A 71 -5.18 -14.09 -16.88
CA LYS A 71 -4.97 -15.52 -17.09
C LYS A 71 -4.59 -15.79 -18.54
N HIS A 72 -5.21 -15.09 -19.48
CA HIS A 72 -4.87 -15.25 -20.89
C HIS A 72 -3.45 -14.77 -21.17
N ASN A 73 -3.10 -13.59 -20.65
CA ASN A 73 -1.76 -13.07 -20.88
C ASN A 73 -0.70 -13.95 -20.24
N LEU A 74 -0.98 -14.52 -19.06
CA LEU A 74 0.01 -15.39 -18.41
C LEU A 74 0.35 -16.59 -19.29
N GLY A 75 -0.65 -17.20 -19.91
CA GLY A 75 -0.36 -18.33 -20.79
C GLY A 75 0.58 -17.97 -21.91
N ILE A 76 0.35 -16.82 -22.54
CA ILE A 76 1.16 -16.41 -23.69
C ILE A 76 2.58 -16.05 -23.25
N LEU A 77 2.69 -15.28 -22.17
CA LEU A 77 4.02 -14.84 -21.73
C LEU A 77 4.82 -15.99 -21.15
N THR A 78 4.15 -16.96 -20.51
CA THR A 78 4.89 -18.08 -19.95
C THR A 78 5.64 -18.80 -21.06
N LYS A 79 4.95 -19.06 -22.18
CA LYS A 79 5.60 -19.71 -23.33
C LYS A 79 6.69 -18.81 -23.91
N ARG A 80 6.38 -17.53 -24.13
CA ARG A 80 7.35 -16.64 -24.73
C ARG A 80 8.63 -16.52 -23.90
N SER A 81 8.52 -16.62 -22.57
CA SER A 81 9.70 -16.54 -21.69
C SER A 81 10.49 -17.84 -21.65
N ASN A 82 10.14 -18.83 -22.46
CA ASN A 82 10.71 -20.17 -22.38
C ASN A 82 10.41 -20.80 -21.01
N PHE A 83 9.20 -20.55 -20.50
CA PHE A 83 8.74 -21.15 -19.26
C PHE A 83 9.69 -20.85 -18.10
N THR A 84 10.07 -19.58 -17.99
CA THR A 84 10.92 -19.13 -16.88
C THR A 84 10.06 -18.96 -15.63
N PRO A 85 10.30 -19.70 -14.56
CA PRO A 85 9.45 -19.62 -13.38
C PRO A 85 9.80 -18.42 -12.51
N ALA A 86 8.84 -18.05 -11.66
CA ALA A 86 9.06 -17.00 -10.70
C ALA A 86 10.12 -17.42 -9.68
N THR A 87 10.78 -16.44 -9.09
CA THR A 87 11.74 -16.67 -8.01
C THR A 87 11.05 -16.38 -6.69
N ASN A 88 11.12 -17.34 -5.76
CA ASN A 88 10.57 -17.13 -4.43
C ASN A 88 11.48 -16.18 -3.67
N GLU A 89 10.90 -15.10 -3.15
CA GLU A 89 11.65 -14.13 -2.36
C GLU A 89 11.53 -14.48 -0.89
N ALA A 90 12.47 -13.97 -0.11
CA ALA A 90 12.42 -14.08 1.34
C ALA A 90 11.74 -12.83 1.91
N PRO A 91 10.52 -12.95 2.43
CA PRO A 91 9.86 -11.76 3.00
C PRO A 91 10.54 -11.34 4.30
N GLN A 92 10.31 -10.09 4.68
CA GLN A 92 10.89 -9.52 5.89
C GLN A 92 9.82 -8.74 6.64
N ALA A 93 9.78 -8.92 7.96
CA ALA A 93 8.69 -8.35 8.75
C ALA A 93 9.21 -7.37 9.79
N THR A 94 8.36 -6.40 10.15
CA THR A 94 8.58 -5.52 11.29
C THR A 94 7.26 -5.36 12.04
N VAL A 95 7.33 -5.29 13.38
CA VAL A 95 6.15 -5.22 14.23
C VAL A 95 6.17 -3.90 15.00
N PHE A 96 5.02 -3.22 15.05
CA PHE A 96 4.92 -1.95 15.77
C PHE A 96 3.46 -1.70 16.17
N PRO A 97 3.22 -0.99 17.27
CA PRO A 97 1.85 -0.66 17.64
C PRO A 97 1.30 0.51 16.83
N LYS A 98 -0.03 0.54 16.72
CA LYS A 98 -0.69 1.63 16.03
C LYS A 98 -0.63 2.93 16.83
N SER A 99 -0.83 2.84 18.13
CA SER A 99 -0.82 3.99 19.03
C SER A 99 0.15 3.72 20.18
N PRO A 100 0.60 4.76 20.88
CA PRO A 100 1.48 4.53 22.04
C PRO A 100 0.80 3.61 23.04
N VAL A 101 1.60 2.70 23.61
CA VAL A 101 1.04 1.62 24.41
C VAL A 101 0.72 2.17 25.80
N LEU A 102 -0.55 2.02 26.21
CA LEU A 102 -1.00 2.43 27.53
C LEU A 102 -1.68 1.26 28.23
N LEU A 103 -1.31 1.05 29.49
CA LEU A 103 -1.84 -0.06 30.28
C LEU A 103 -3.36 -0.19 30.16
N GLY A 104 -3.82 -1.37 29.78
CA GLY A 104 -5.23 -1.66 29.79
C GLY A 104 -6.06 -0.98 28.72
N GLN A 105 -5.47 -0.18 27.84
CA GLN A 105 -6.24 0.56 26.84
C GLN A 105 -6.12 -0.14 25.50
N PRO A 106 -7.22 -0.58 24.89
CA PRO A 106 -7.14 -1.39 23.67
C PRO A 106 -6.36 -0.68 22.57
N ASN A 107 -5.58 -1.47 21.83
CA ASN A 107 -4.61 -0.97 20.87
C ASN A 107 -4.59 -1.96 19.72
N THR A 108 -3.75 -1.70 18.73
CA THR A 108 -3.59 -2.62 17.61
C THR A 108 -2.11 -2.79 17.34
N LEU A 109 -1.69 -4.06 17.24
CA LEU A 109 -0.33 -4.42 16.88
C LEU A 109 -0.29 -4.71 15.39
N ILE A 110 0.69 -4.17 14.71
CA ILE A 110 0.77 -4.21 13.25
C ILE A 110 2.01 -4.99 12.84
N CYS A 111 1.82 -6.00 11.99
CA CYS A 111 2.93 -6.75 11.42
C CYS A 111 3.02 -6.37 9.96
N PHE A 112 4.07 -5.63 9.60
CA PHE A 112 4.30 -5.17 8.23
C PHE A 112 5.26 -6.15 7.57
N VAL A 113 4.82 -6.78 6.48
CA VAL A 113 5.64 -7.77 5.81
C VAL A 113 5.92 -7.29 4.39
N ASP A 114 7.21 -7.21 4.04
CA ASP A 114 7.66 -6.68 2.76
C ASP A 114 8.42 -7.75 1.99
N ASN A 115 8.67 -7.45 0.71
CA ASN A 115 9.39 -8.34 -0.22
C ASN A 115 8.68 -9.68 -0.35
N ILE A 116 7.36 -9.63 -0.55
CA ILE A 116 6.55 -10.83 -0.74
C ILE A 116 6.43 -11.13 -2.23
N PHE A 117 6.92 -12.29 -2.63
CA PHE A 117 6.71 -12.74 -4.02
C PHE A 117 7.06 -14.21 -4.13
N PRO A 118 6.19 -15.04 -4.73
CA PRO A 118 4.84 -14.72 -5.26
C PRO A 118 3.87 -14.33 -4.13
N PRO A 119 2.72 -13.73 -4.49
CA PRO A 119 1.79 -13.28 -3.43
C PRO A 119 0.93 -14.41 -2.86
N VAL A 120 1.58 -15.28 -2.09
CA VAL A 120 0.93 -16.27 -1.24
C VAL A 120 1.71 -16.28 0.07
N ILE A 121 1.03 -16.13 1.20
CA ILE A 121 1.74 -16.02 2.48
C ILE A 121 0.79 -16.37 3.62
N ASN A 122 1.37 -16.78 4.74
CA ASN A 122 0.65 -16.89 6.01
C ASN A 122 1.30 -15.99 7.03
N ILE A 123 0.52 -15.08 7.60
CA ILE A 123 0.98 -14.25 8.71
C ILE A 123 0.07 -14.56 9.88
N THR A 124 0.66 -14.96 11.01
CA THR A 124 -0.12 -15.31 12.19
C THR A 124 0.55 -14.73 13.42
N TRP A 125 -0.17 -14.74 14.53
CA TRP A 125 0.26 -14.06 15.73
C TRP A 125 0.39 -15.05 16.89
N LEU A 126 1.37 -14.79 17.75
CA LEU A 126 1.54 -15.51 18.99
C LEU A 126 1.50 -14.53 20.15
N ARG A 127 0.85 -14.91 21.24
CA ARG A 127 0.96 -14.15 22.47
C ARG A 127 1.38 -15.11 23.56
N ASN A 128 2.47 -14.78 24.25
CA ASN A 128 3.09 -15.67 25.22
C ASN A 128 3.23 -17.07 24.63
N SER A 129 3.75 -17.10 23.40
CA SER A 129 4.09 -18.29 22.63
C SER A 129 2.88 -19.14 22.29
N LYS A 130 1.66 -18.62 22.44
CA LYS A 130 0.45 -19.34 22.11
C LYS A 130 -0.28 -18.65 20.97
N SER A 131 -0.80 -19.44 20.04
CA SER A 131 -1.43 -18.89 18.85
C SER A 131 -2.67 -18.10 19.21
N VAL A 132 -2.81 -16.92 18.58
CA VAL A 132 -3.95 -16.05 18.80
C VAL A 132 -4.61 -15.78 17.46
N THR A 133 -5.90 -16.13 17.35
CA THR A 133 -6.67 -15.89 16.13
C THR A 133 -7.80 -14.88 16.31
N ASP A 134 -8.24 -14.61 17.54
CA ASP A 134 -9.27 -13.61 17.77
C ASP A 134 -8.74 -12.21 17.50
N GLY A 135 -9.56 -11.38 16.87
CA GLY A 135 -9.19 -9.99 16.61
C GLY A 135 -8.03 -9.81 15.67
N VAL A 136 -7.95 -10.62 14.61
CA VAL A 136 -6.87 -10.52 13.62
C VAL A 136 -7.48 -10.18 12.27
N TYR A 137 -6.90 -9.18 11.60
CA TYR A 137 -7.30 -8.74 10.27
C TYR A 137 -6.06 -8.62 9.39
N GLU A 138 -6.24 -8.75 8.08
CA GLU A 138 -5.14 -8.66 7.13
C GLU A 138 -5.54 -7.76 5.97
N THR A 139 -4.58 -6.97 5.46
CA THR A 139 -4.78 -6.26 4.19
C THR A 139 -4.70 -7.24 3.01
N SER A 140 -5.05 -6.75 1.84
N SER A 140 -5.09 -6.76 1.85
CA SER A 140 -4.71 -7.46 0.63
CA SER A 140 -4.73 -7.44 0.60
C SER A 140 -3.20 -7.36 0.40
C SER A 140 -3.23 -7.33 0.39
N PHE A 141 -2.73 -7.99 -0.66
CA PHE A 141 -1.35 -7.76 -1.10
C PHE A 141 -1.29 -6.40 -1.77
N LEU A 142 -0.46 -5.50 -1.24
CA LEU A 142 -0.30 -4.15 -1.77
C LEU A 142 0.95 -4.12 -2.64
N VAL A 143 0.88 -3.41 -3.78
CA VAL A 143 1.93 -3.49 -4.79
C VAL A 143 3.14 -2.64 -4.40
N ASN A 144 4.32 -3.11 -4.81
CA ASN A 144 5.58 -2.38 -4.69
C ASN A 144 6.07 -2.00 -6.09
N ARG A 145 6.89 -0.97 -6.16
CA ARG A 145 7.34 -0.50 -7.46
C ARG A 145 8.24 -1.50 -8.16
N ASP A 146 8.91 -2.40 -7.42
CA ASP A 146 9.70 -3.45 -8.03
C ASP A 146 8.89 -4.72 -8.33
N HIS A 147 7.57 -4.65 -8.18
CA HIS A 147 6.59 -5.67 -8.55
C HIS A 147 6.59 -6.87 -7.61
N SER A 148 7.21 -6.75 -6.44
CA SER A 148 6.87 -7.59 -5.29
C SER A 148 5.64 -6.99 -4.60
N PHE A 149 5.29 -7.49 -3.42
CA PHE A 149 4.12 -7.02 -2.68
C PHE A 149 4.52 -6.83 -1.24
N HIS A 150 3.71 -6.05 -0.53
CA HIS A 150 3.75 -6.05 0.92
C HIS A 150 2.34 -6.31 1.45
N LYS A 151 2.25 -6.65 2.74
CA LYS A 151 0.98 -6.99 3.38
C LYS A 151 1.10 -6.62 4.86
N LEU A 152 0.00 -6.18 5.47
CA LEU A 152 -0.01 -5.93 6.90
C LEU A 152 -1.04 -6.81 7.58
N SER A 153 -0.69 -7.31 8.76
CA SER A 153 -1.63 -8.00 9.62
C SER A 153 -1.81 -7.19 10.89
N TYR A 154 -3.02 -7.24 11.45
CA TYR A 154 -3.43 -6.47 12.61
C TYR A 154 -3.91 -7.39 13.73
N LEU A 155 -3.48 -7.10 14.96
CA LEU A 155 -3.90 -7.88 16.11
C LEU A 155 -4.40 -6.92 17.18
N THR A 156 -5.70 -6.99 17.49
CA THR A 156 -6.24 -6.22 18.61
C THR A 156 -5.60 -6.72 19.91
N PHE A 157 -5.12 -5.80 20.75
CA PHE A 157 -4.52 -6.25 22.00
C PHE A 157 -4.70 -5.18 23.07
N ILE A 158 -4.51 -5.61 24.30
CA ILE A 158 -4.62 -4.71 25.44
C ILE A 158 -3.27 -4.71 26.14
N PRO A 159 -2.50 -3.63 26.08
CA PRO A 159 -1.14 -3.65 26.63
C PRO A 159 -1.14 -4.00 28.11
N SER A 160 -0.22 -4.87 28.48
CA SER A 160 -0.05 -5.25 29.88
C SER A 160 1.43 -5.41 30.16
N ASP A 161 1.76 -5.67 31.42
CA ASP A 161 3.13 -6.02 31.80
C ASP A 161 3.38 -7.52 31.77
N ASP A 162 2.43 -8.33 31.30
CA ASP A 162 2.53 -9.78 31.37
C ASP A 162 2.24 -10.41 30.00
N ASP A 163 2.68 -9.76 28.92
CA ASP A 163 2.44 -10.27 27.57
C ASP A 163 3.61 -10.02 26.65
N ILE A 164 3.95 -11.03 25.86
CA ILE A 164 5.00 -11.00 24.86
C ILE A 164 4.39 -11.44 23.53
N TYR A 165 4.71 -10.74 22.43
CA TYR A 165 4.08 -11.05 21.14
C TYR A 165 5.11 -11.42 20.07
N ASP A 166 4.66 -12.27 19.14
CA ASP A 166 5.43 -12.61 17.94
C ASP A 166 4.52 -12.58 16.72
N CYS A 167 5.02 -12.00 15.63
CA CYS A 167 4.45 -12.18 14.30
C CYS A 167 5.17 -13.33 13.61
N LYS A 168 4.43 -14.30 13.09
CA LYS A 168 4.99 -15.48 12.43
C LYS A 168 4.68 -15.46 10.95
N VAL A 169 5.71 -15.55 10.11
CA VAL A 169 5.53 -15.49 8.67
C VAL A 169 5.99 -16.80 8.03
N GLU A 170 5.12 -17.41 7.23
CA GLU A 170 5.46 -18.60 6.45
C GLU A 170 5.31 -18.27 4.98
N HIS A 171 6.30 -18.67 4.18
CA HIS A 171 6.34 -18.35 2.75
C HIS A 171 7.23 -19.38 2.06
N TRP A 172 6.96 -19.60 0.77
CA TRP A 172 7.74 -20.57 0.01
C TRP A 172 9.22 -20.20 -0.03
N GLY A 173 9.53 -18.90 0.04
CA GLY A 173 10.89 -18.41 0.05
C GLY A 173 11.59 -18.48 1.39
N LEU A 174 10.93 -19.04 2.41
CA LEU A 174 11.51 -19.22 3.73
C LEU A 174 11.64 -20.71 4.03
N GLU A 175 12.84 -21.15 4.40
CA GLU A 175 13.02 -22.55 4.74
C GLU A 175 12.23 -22.92 5.99
N GLU A 176 12.21 -22.04 6.98
CA GLU A 176 11.42 -22.22 8.18
C GLU A 176 10.70 -20.91 8.51
N PRO A 177 9.58 -20.98 9.22
CA PRO A 177 8.88 -19.73 9.58
C PRO A 177 9.79 -18.76 10.31
N VAL A 178 9.63 -17.47 9.99
CA VAL A 178 10.36 -16.41 10.66
C VAL A 178 9.44 -15.79 11.71
N LEU A 179 10.00 -15.53 12.88
CA LEU A 179 9.27 -14.98 14.00
C LEU A 179 9.83 -13.59 14.29
N LYS A 180 8.95 -12.60 14.29
CA LYS A 180 9.33 -11.23 14.62
C LYS A 180 8.77 -10.91 16.00
N HIS A 181 9.65 -10.59 16.93
CA HIS A 181 9.29 -10.46 18.34
C HIS A 181 8.93 -9.02 18.68
N TRP A 182 8.04 -8.87 19.67
CA TRP A 182 7.66 -7.53 20.15
C TRP A 182 7.21 -7.56 21.60
N GLU A 183 7.72 -6.62 22.39
CA GLU A 183 7.31 -6.41 23.77
C GLU A 183 7.18 -4.92 24.04
N PRO A 184 6.34 -4.54 25.01
CA PRO A 184 6.34 -3.16 25.55
C PRO A 184 7.53 -2.92 26.49
N HIS B 1 -28.36 7.85 -5.46
CA HIS B 1 -27.51 8.44 -6.48
C HIS B 1 -26.06 8.07 -6.24
N LEU B 2 -25.84 6.76 -6.20
CA LEU B 2 -24.50 6.22 -6.10
C LEU B 2 -23.70 6.59 -7.34
N VAL B 3 -22.40 6.81 -7.14
CA VAL B 3 -21.48 7.11 -8.24
C VAL B 3 -20.61 5.87 -8.43
N GLU B 4 -20.25 5.59 -9.68
CA GLU B 4 -19.48 4.40 -10.02
C GLU B 4 -17.99 4.72 -10.14
N ARG B 5 -17.15 3.91 -9.49
CA ARG B 5 -15.73 3.92 -9.79
C ARG B 5 -15.49 3.08 -11.04
N LEU B 6 -14.73 3.61 -11.99
CA LEU B 6 -14.39 2.89 -13.21
C LEU B 6 -12.96 2.34 -13.13
N TYR B 7 -12.61 1.50 -14.09
CA TYR B 7 -11.31 0.84 -14.06
C TYR B 7 -10.65 0.88 -15.42
N LEU B 8 -9.33 0.65 -15.43
CA LEU B 8 -8.54 0.59 -16.65
C LEU B 8 -8.57 -0.84 -17.17
N VAL B 9 -8.85 -0.97 -18.46
CA VAL B 9 -9.10 -2.28 -19.05
C VAL B 9 -7.76 -2.97 -19.32
N CYS B 10 -7.64 -4.22 -18.91
CA CYS B 10 -6.46 -5.02 -19.20
C CYS B 10 -6.56 -5.58 -20.62
N GLY B 11 -5.66 -5.15 -21.51
CA GLY B 11 -5.67 -5.65 -22.87
C GLY B 11 -5.11 -7.07 -22.97
N GLU B 12 -5.68 -7.84 -23.89
CA GLU B 12 -5.28 -9.24 -24.09
C GLU B 12 -4.29 -9.35 -25.24
N GLU B 13 -3.20 -10.09 -24.99
CA GLU B 13 -2.28 -10.50 -26.04
C GLU B 13 -2.99 -11.31 -27.11
N GLY B 14 -2.50 -11.22 -28.34
CA GLY B 14 -2.97 -12.09 -29.39
C GLY B 14 -2.37 -13.49 -29.26
N ALA B 15 -3.23 -14.50 -29.43
CA ALA B 15 -2.79 -15.88 -29.31
C ALA B 15 -2.18 -16.38 -30.62
N GLY B 16 -1.39 -17.45 -30.50
CA GLY B 16 -0.80 -18.11 -31.66
C GLY B 16 0.28 -17.35 -32.38
N GLY B 17 0.88 -16.33 -31.75
CA GLY B 17 1.89 -15.54 -32.41
C GLY B 17 3.25 -16.20 -32.43
N GLY B 18 4.13 -15.66 -33.28
CA GLY B 18 5.51 -16.12 -33.37
C GLY B 18 5.68 -17.58 -33.77
N GLY B 26 2.91 -25.66 -2.28
CA GLY B 26 3.61 -25.50 -3.54
C GLY B 26 5.01 -24.95 -3.40
N GLY B 27 5.57 -25.06 -2.18
CA GLY B 27 6.92 -24.60 -1.95
C GLY B 27 7.97 -25.24 -2.85
N SER B 28 7.68 -26.41 -3.38
CA SER B 28 8.60 -27.10 -4.29
C SER B 28 8.16 -27.03 -5.74
N GLU B 29 7.01 -26.41 -6.03
CA GLU B 29 6.51 -26.30 -7.39
C GLU B 29 6.95 -25.00 -8.04
N ARG B 30 7.14 -25.06 -9.35
N ARG B 30 7.20 -25.08 -9.34
CA ARG B 30 7.41 -23.85 -10.12
CA ARG B 30 7.36 -23.88 -10.14
C ARG B 30 6.10 -23.09 -10.35
C ARG B 30 6.04 -23.11 -10.16
N HIS B 31 6.13 -21.78 -10.12
CA HIS B 31 4.98 -20.92 -10.35
C HIS B 31 5.33 -19.87 -11.37
N PHE B 32 4.28 -19.35 -12.02
CA PHE B 32 4.40 -18.37 -13.08
C PHE B 32 3.41 -17.25 -12.79
N VAL B 33 3.87 -15.99 -12.80
CA VAL B 33 3.07 -14.87 -12.31
C VAL B 33 2.94 -13.80 -13.40
N HIS B 34 1.73 -13.22 -13.51
CA HIS B 34 1.52 -12.08 -14.40
C HIS B 34 0.80 -10.96 -13.66
N GLN B 35 1.16 -9.72 -13.97
CA GLN B 35 0.56 -8.57 -13.29
C GLN B 35 0.19 -7.50 -14.30
N PHE B 36 -0.90 -6.79 -14.00
CA PHE B 36 -1.29 -5.60 -14.74
C PHE B 36 -1.50 -4.48 -13.73
N LYS B 37 -0.92 -3.31 -13.99
CA LYS B 37 -1.07 -2.16 -13.11
C LYS B 37 -1.52 -0.97 -13.94
N GLY B 38 -2.65 -0.35 -13.53
CA GLY B 38 -3.13 0.84 -14.21
C GLY B 38 -2.97 2.03 -13.28
N GLU B 39 -2.10 2.97 -13.64
CA GLU B 39 -1.73 4.05 -12.73
C GLU B 39 -2.15 5.39 -13.31
N CYS B 40 -2.86 6.19 -12.51
CA CYS B 40 -3.29 7.52 -12.88
C CYS B 40 -2.57 8.53 -11.98
N TYR B 41 -1.74 9.38 -12.58
CA TYR B 41 -0.96 10.40 -11.86
C TYR B 41 -1.60 11.78 -12.03
N PHE B 42 -1.84 12.47 -10.92
CA PHE B 42 -2.56 13.74 -10.92
C PHE B 42 -1.70 14.84 -10.32
N THR B 43 -1.73 16.03 -10.93
CA THR B 43 -1.06 17.21 -10.39
C THR B 43 -1.94 18.44 -10.54
N ASN B 44 -2.06 19.21 -9.45
CA ASN B 44 -2.93 20.37 -9.38
C ASN B 44 -4.36 20.01 -9.79
N GLY B 45 -4.98 19.18 -8.94
CA GLY B 45 -6.28 18.63 -9.29
C GLY B 45 -6.14 17.74 -10.51
N THR B 46 -7.05 17.92 -11.46
CA THR B 46 -6.98 17.23 -12.74
C THR B 46 -6.41 18.11 -13.85
N GLN B 47 -5.75 19.21 -13.49
CA GLN B 47 -5.14 20.06 -14.51
C GLN B 47 -4.09 19.28 -15.31
N ARG B 48 -3.32 18.42 -14.66
CA ARG B 48 -2.39 17.53 -15.35
C ARG B 48 -2.73 16.12 -14.93
N ILE B 49 -2.96 15.24 -15.90
CA ILE B 49 -3.14 13.81 -15.65
C ILE B 49 -2.16 13.04 -16.53
N ARG B 50 -1.53 12.02 -15.96
CA ARG B 50 -0.69 11.12 -16.75
C ARG B 50 -1.11 9.69 -16.46
N LEU B 51 -1.35 8.91 -17.52
CA LEU B 51 -1.77 7.52 -17.39
C LEU B 51 -0.62 6.60 -17.80
N VAL B 52 -0.30 5.65 -16.92
CA VAL B 52 0.72 4.63 -17.19
C VAL B 52 0.11 3.26 -16.90
N THR B 53 0.09 2.37 -17.89
CA THR B 53 -0.31 1.00 -17.64
C THR B 53 0.89 0.09 -17.87
N ARG B 54 1.02 -0.92 -17.04
CA ARG B 54 2.19 -1.79 -17.04
C ARG B 54 1.74 -3.23 -17.09
N TYR B 55 2.41 -4.02 -17.92
CA TYR B 55 2.20 -5.45 -18.01
C TYR B 55 3.51 -6.11 -17.61
N ILE B 56 3.44 -7.07 -16.69
CA ILE B 56 4.61 -7.57 -15.99
C ILE B 56 4.55 -9.10 -15.99
N TYR B 57 5.62 -9.74 -16.45
CA TYR B 57 5.72 -11.19 -16.36
C TYR B 57 6.74 -11.51 -15.25
N ASN B 58 6.30 -12.26 -14.25
CA ASN B 58 7.03 -12.45 -13.01
C ASN B 58 7.40 -11.09 -12.41
N ARG B 59 8.66 -10.69 -12.49
CA ARG B 59 9.08 -9.38 -11.98
C ARG B 59 9.46 -8.40 -13.08
N GLU B 60 9.29 -8.77 -14.34
CA GLU B 60 9.79 -7.98 -15.47
C GLU B 60 8.65 -7.23 -16.14
N GLU B 61 8.60 -5.91 -15.99
CA GLU B 61 7.73 -5.10 -16.84
C GLU B 61 8.25 -5.14 -18.28
N TYR B 62 7.44 -5.62 -19.21
CA TYR B 62 7.86 -5.78 -20.60
C TYR B 62 7.08 -4.90 -21.56
N LEU B 63 5.94 -4.35 -21.15
CA LEU B 63 5.07 -3.57 -22.02
C LEU B 63 4.42 -2.45 -21.20
N ARG B 64 4.37 -1.26 -21.78
CA ARG B 64 3.89 -0.09 -21.04
C ARG B 64 3.17 0.86 -21.97
N PHE B 65 2.00 1.35 -21.56
CA PHE B 65 1.40 2.53 -22.18
C PHE B 65 1.66 3.70 -21.25
N ASP B 66 2.20 4.79 -21.81
CA ASP B 66 2.46 6.01 -21.05
C ASP B 66 1.86 7.15 -21.85
N SER B 67 0.86 7.84 -21.27
CA SER B 67 0.16 8.88 -22.01
C SER B 67 1.08 10.04 -22.41
N ASP B 68 2.21 10.21 -21.71
CA ASP B 68 3.18 11.21 -22.13
C ASP B 68 3.88 10.79 -23.42
N VAL B 69 3.99 9.48 -23.68
CA VAL B 69 4.49 8.98 -24.96
C VAL B 69 3.36 8.88 -26.00
N GLY B 70 2.18 8.44 -25.58
CA GLY B 70 1.02 8.40 -26.44
C GLY B 70 0.77 7.08 -27.14
N GLU B 71 1.62 6.06 -26.91
CA GLU B 71 1.40 4.74 -27.50
C GLU B 71 2.05 3.69 -26.60
N TYR B 72 1.73 2.43 -26.86
CA TYR B 72 2.40 1.33 -26.19
C TYR B 72 3.84 1.21 -26.65
N ARG B 73 4.73 0.86 -25.71
CA ARG B 73 6.13 0.64 -26.01
C ARG B 73 6.62 -0.61 -25.32
N ALA B 74 7.51 -1.35 -25.99
CA ALA B 74 8.20 -2.46 -25.36
C ALA B 74 9.19 -1.94 -24.31
N VAL B 75 9.09 -2.45 -23.08
CA VAL B 75 10.04 -2.04 -22.06
C VAL B 75 11.29 -2.92 -22.11
N THR B 76 11.11 -4.18 -22.49
CA THR B 76 12.19 -5.15 -22.69
C THR B 76 11.90 -5.89 -23.98
N GLU B 77 12.87 -6.73 -24.39
CA GLU B 77 12.71 -7.51 -25.60
C GLU B 77 11.47 -8.42 -25.55
N LEU B 78 11.12 -8.91 -24.36
CA LEU B 78 9.92 -9.71 -24.21
C LEU B 78 8.67 -9.02 -24.75
N GLY B 79 8.60 -7.70 -24.68
CA GLY B 79 7.44 -6.97 -25.16
C GLY B 79 7.51 -6.42 -26.58
N ARG B 80 8.51 -6.81 -27.37
CA ARG B 80 8.74 -6.16 -28.66
C ARG B 80 7.53 -6.28 -29.58
N HIS B 81 6.99 -7.49 -29.72
CA HIS B 81 5.84 -7.66 -30.60
C HIS B 81 4.52 -7.40 -29.88
N SER B 82 4.50 -7.53 -28.55
CA SER B 82 3.33 -7.07 -27.79
C SER B 82 3.00 -5.62 -28.14
N ALA B 83 4.00 -4.74 -28.14
CA ALA B 83 3.72 -3.33 -28.33
C ALA B 83 3.12 -3.07 -29.72
N GLU B 84 3.57 -3.79 -30.74
CA GLU B 84 2.96 -3.63 -32.06
C GLU B 84 1.51 -4.12 -32.07
N TYR B 85 1.23 -5.22 -31.38
CA TYR B 85 -0.15 -5.73 -31.36
C TYR B 85 -1.08 -4.83 -30.57
N TYR B 86 -0.64 -4.38 -29.40
CA TYR B 86 -1.49 -3.50 -28.60
C TYR B 86 -1.73 -2.15 -29.29
N ASN B 87 -0.74 -1.64 -30.03
CA ASN B 87 -0.96 -0.37 -30.72
C ASN B 87 -1.94 -0.54 -31.87
N LYS B 88 -2.01 -1.74 -32.45
CA LYS B 88 -3.01 -1.99 -33.49
C LYS B 88 -4.40 -2.15 -32.90
N GLN B 89 -4.51 -2.79 -31.74
CA GLN B 89 -5.80 -3.25 -31.23
C GLN B 89 -6.41 -2.34 -30.17
N TYR B 90 -5.60 -1.70 -29.33
CA TYR B 90 -6.12 -1.02 -28.14
C TYR B 90 -5.67 0.43 -28.00
N LEU B 91 -5.00 0.99 -28.99
CA LEU B 91 -4.35 2.28 -28.81
C LEU B 91 -5.36 3.39 -28.49
N GLU B 92 -6.39 3.53 -29.32
CA GLU B 92 -7.33 4.63 -29.11
C GLU B 92 -8.19 4.39 -27.87
N ARG B 93 -8.50 3.12 -27.57
CA ARG B 93 -9.24 2.82 -26.35
C ARG B 93 -8.47 3.24 -25.11
N THR B 94 -7.16 2.97 -25.10
CA THR B 94 -6.35 3.27 -23.92
C THR B 94 -6.16 4.78 -23.77
N ARG B 95 -5.88 5.48 -24.87
CA ARG B 95 -5.78 6.94 -24.80
C ARG B 95 -7.04 7.55 -24.20
N ALA B 96 -8.20 6.99 -24.52
CA ALA B 96 -9.46 7.55 -24.07
C ALA B 96 -9.70 7.31 -22.57
N GLU B 97 -9.02 6.33 -21.98
CA GLU B 97 -9.23 6.04 -20.56
C GLU B 97 -8.68 7.14 -19.67
N LEU B 98 -7.79 7.98 -20.16
CA LEU B 98 -7.32 9.09 -19.33
C LEU B 98 -8.51 9.93 -18.86
N ASP B 99 -9.45 10.20 -19.76
CA ASP B 99 -10.61 10.97 -19.35
C ASP B 99 -11.70 10.10 -18.72
N THR B 100 -12.03 8.95 -19.30
CA THR B 100 -13.18 8.20 -18.82
C THR B 100 -12.89 7.44 -17.54
N ALA B 101 -11.62 7.15 -17.24
CA ALA B 101 -11.27 6.45 -16.02
C ALA B 101 -10.53 7.35 -15.04
N CYS B 102 -9.33 7.86 -15.41
CA CYS B 102 -8.56 8.67 -14.46
C CYS B 102 -9.30 9.93 -14.05
N ARG B 103 -9.70 10.75 -15.02
CA ARG B 103 -10.33 12.03 -14.66
C ARG B 103 -11.64 11.81 -13.94
N HIS B 104 -12.45 10.85 -14.42
CA HIS B 104 -13.73 10.56 -13.77
C HIS B 104 -13.56 10.11 -12.32
N ASN B 105 -12.67 9.13 -12.09
CA ASN B 105 -12.47 8.67 -10.72
C ASN B 105 -12.03 9.79 -9.79
N TYR B 106 -11.12 10.65 -10.26
CA TYR B 106 -10.65 11.73 -9.39
C TYR B 106 -11.78 12.70 -9.08
N GLU B 107 -12.41 13.22 -10.12
CA GLU B 107 -13.36 14.31 -9.93
C GLU B 107 -14.63 13.83 -9.24
N GLU B 108 -15.08 12.61 -9.55
CA GLU B 108 -16.38 12.15 -9.09
C GLU B 108 -16.31 11.20 -7.89
N THR B 109 -15.16 10.56 -7.62
CA THR B 109 -15.09 9.67 -6.47
C THR B 109 -14.00 10.01 -5.47
N GLU B 110 -12.85 10.54 -5.88
CA GLU B 110 -11.83 10.87 -4.88
C GLU B 110 -12.11 12.22 -4.21
N VAL B 111 -12.56 13.20 -4.99
CA VAL B 111 -12.90 14.51 -4.44
C VAL B 111 -13.87 14.41 -3.27
N PRO B 112 -15.00 13.67 -3.36
CA PRO B 112 -15.88 13.58 -2.19
C PRO B 112 -15.42 12.61 -1.11
N THR B 113 -14.41 11.78 -1.33
CA THR B 113 -14.07 10.81 -0.30
C THR B 113 -12.62 10.95 0.16
N SER B 114 -11.70 10.29 -0.55
CA SER B 114 -10.30 10.27 -0.16
C SER B 114 -9.76 11.67 0.15
N LEU B 115 -10.05 12.62 -0.74
CA LEU B 115 -9.48 13.96 -0.64
C LEU B 115 -10.19 14.82 0.41
N ARG B 116 -11.29 14.35 0.98
CA ARG B 116 -11.92 15.02 2.12
C ARG B 116 -11.57 14.38 3.45
N ARG B 117 -10.86 13.24 3.43
CA ARG B 117 -10.54 12.55 4.67
C ARG B 117 -9.55 13.35 5.50
N LEU B 118 -9.90 13.61 6.77
CA LEU B 118 -9.06 14.32 7.71
C LEU B 118 -9.10 13.59 9.04
N GLU B 119 -7.96 13.08 9.47
CA GLU B 119 -7.84 12.41 10.76
C GLU B 119 -6.81 13.18 11.55
N GLN B 120 -7.21 13.69 12.73
CA GLN B 120 -6.31 14.56 13.48
C GLN B 120 -5.24 13.76 14.19
N PRO B 121 -3.99 14.24 14.23
CA PRO B 121 -2.96 13.51 14.94
C PRO B 121 -3.20 13.49 16.45
N ASN B 122 -2.78 12.40 17.07
CA ASN B 122 -2.58 12.34 18.51
C ASN B 122 -1.09 12.53 18.79
N VAL B 123 -0.78 13.22 19.89
CA VAL B 123 0.59 13.63 20.15
C VAL B 123 0.92 13.27 21.60
N ALA B 124 2.07 12.62 21.81
CA ALA B 124 2.54 12.30 23.15
C ALA B 124 4.04 12.37 23.18
N ILE B 125 4.60 12.69 24.36
CA ILE B 125 6.05 12.81 24.54
C ILE B 125 6.52 11.79 25.56
N SER B 126 7.67 11.18 25.29
CA SER B 126 8.32 10.26 26.23
C SER B 126 9.82 10.51 26.17
N LEU B 127 10.50 10.15 27.26
CA LEU B 127 11.90 10.54 27.43
C LEU B 127 12.92 9.50 26.95
N SER B 128 12.54 8.24 26.82
CA SER B 128 13.48 7.18 26.43
C SER B 128 14.63 7.02 27.43
N HIS B 136 22.84 12.78 26.26
CA HIS B 136 21.90 12.21 27.21
C HIS B 136 21.00 13.29 27.78
N ASN B 137 19.71 13.28 27.40
CA ASN B 137 19.14 12.22 26.57
C ASN B 137 18.50 12.68 25.27
N THR B 138 17.31 12.13 25.01
CA THR B 138 16.57 12.38 23.78
C THR B 138 15.08 12.35 24.09
N LEU B 139 14.36 13.38 23.67
CA LEU B 139 12.89 13.38 23.77
C LEU B 139 12.30 12.80 22.49
N VAL B 140 11.25 12.00 22.65
CA VAL B 140 10.57 11.38 21.51
C VAL B 140 9.13 11.88 21.46
N CYS B 141 8.78 12.55 20.38
CA CYS B 141 7.40 12.96 20.15
C CYS B 141 6.76 11.97 19.20
N SER B 142 5.75 11.24 19.67
CA SER B 142 5.02 10.27 18.88
C SER B 142 3.77 10.93 18.33
N VAL B 143 3.66 10.99 17.00
CA VAL B 143 2.55 11.65 16.33
C VAL B 143 1.82 10.58 15.53
N THR B 144 0.58 10.27 15.91
CA THR B 144 -0.06 9.04 15.46
C THR B 144 -1.47 9.27 14.93
N ASP B 145 -1.90 8.36 14.04
CA ASP B 145 -3.28 8.24 13.57
C ASP B 145 -3.75 9.43 12.73
N PHE B 146 -2.87 10.01 11.93
CA PHE B 146 -3.26 11.18 11.14
C PHE B 146 -3.38 10.86 9.65
N TYR B 147 -4.17 11.69 8.96
CA TYR B 147 -4.39 11.59 7.53
C TYR B 147 -4.86 12.94 7.03
N PRO B 148 -4.33 13.46 5.91
CA PRO B 148 -3.36 12.83 5.00
C PRO B 148 -1.92 12.92 5.51
N ALA B 149 -0.96 12.60 4.66
CA ALA B 149 0.43 12.43 5.10
C ALA B 149 1.14 13.75 5.39
N LYS B 150 0.69 14.85 4.80
CA LYS B 150 1.36 16.14 4.94
C LYS B 150 1.30 16.61 6.38
N ILE B 151 2.46 16.85 6.99
CA ILE B 151 2.50 17.23 8.40
C ILE B 151 3.81 17.95 8.67
N LYS B 152 3.81 18.81 9.69
CA LYS B 152 5.04 19.45 10.14
C LYS B 152 5.12 19.33 11.65
N VAL B 153 6.26 18.85 12.15
CA VAL B 153 6.46 18.66 13.58
C VAL B 153 7.67 19.49 14.00
N ARG B 154 7.48 20.36 14.99
CA ARG B 154 8.51 21.28 15.44
C ARG B 154 8.75 21.11 16.93
N TRP B 155 10.00 21.27 17.34
CA TRP B 155 10.39 21.21 18.74
C TRP B 155 10.77 22.61 19.23
N PHE B 156 10.34 22.94 20.44
CA PHE B 156 10.68 24.19 21.10
C PHE B 156 11.26 23.90 22.48
N ARG B 157 12.21 24.73 22.90
CA ARG B 157 12.75 24.71 24.26
C ARG B 157 12.59 26.10 24.85
N ASN B 158 11.84 26.18 25.96
CA ASN B 158 11.51 27.44 26.63
C ASN B 158 11.08 28.54 25.67
N GLY B 159 10.22 28.18 24.73
CA GLY B 159 9.65 29.15 23.81
C GLY B 159 10.47 29.43 22.56
N GLN B 160 11.63 28.80 22.39
CA GLN B 160 12.46 29.00 21.23
C GLN B 160 12.57 27.70 20.45
N GLU B 161 12.49 27.80 19.12
CA GLU B 161 12.49 26.61 18.28
C GLU B 161 13.87 25.97 18.24
N GLU B 162 13.88 24.65 18.32
CA GLU B 162 15.09 23.85 18.16
C GLU B 162 15.22 23.37 16.72
N THR B 163 16.41 23.53 16.14
CA THR B 163 16.72 22.94 14.85
C THR B 163 17.55 21.67 14.94
N VAL B 164 18.46 21.58 15.93
CA VAL B 164 19.16 20.34 16.19
C VAL B 164 19.24 20.10 17.70
N GLY B 165 19.48 18.85 18.08
CA GLY B 165 19.48 17.70 17.19
C GLY B 165 18.10 17.11 17.00
N VAL B 166 17.41 17.56 15.96
CA VAL B 166 16.06 17.12 15.64
C VAL B 166 16.14 16.09 14.52
N SER B 167 15.70 14.88 14.81
CA SER B 167 15.67 13.80 13.83
C SER B 167 14.27 13.18 13.83
N SER B 168 13.94 12.54 12.72
CA SER B 168 12.63 11.95 12.54
C SER B 168 12.76 10.56 11.91
N THR B 169 11.88 9.65 12.31
CA THR B 169 11.73 8.41 11.58
C THR B 169 11.11 8.69 10.22
N GLN B 170 11.13 7.67 9.36
CA GLN B 170 10.33 7.74 8.15
C GLN B 170 8.87 7.85 8.50
N LEU B 171 8.10 8.38 7.58
CA LEU B 171 6.65 8.32 7.71
C LEU B 171 6.21 6.86 7.69
N ILE B 172 5.43 6.46 8.69
CA ILE B 172 4.97 5.09 8.84
C ILE B 172 3.54 5.01 8.34
N ARG B 173 3.28 4.12 7.38
CA ARG B 173 1.96 3.94 6.80
C ARG B 173 1.29 2.75 7.49
N ASN B 174 0.20 3.00 8.23
CA ASN B 174 -0.40 1.94 9.05
C ASN B 174 -1.24 0.96 8.24
N GLY B 175 -1.58 1.31 6.99
CA GLY B 175 -2.35 0.46 6.13
C GLY B 175 -3.85 0.60 6.30
N ASP B 176 -4.29 1.36 7.30
CA ASP B 176 -5.69 1.60 7.58
C ASP B 176 -6.09 3.03 7.26
N TRP B 177 -5.38 3.67 6.33
CA TRP B 177 -5.58 5.07 5.94
C TRP B 177 -5.26 6.01 7.10
N THR B 178 -4.27 5.66 7.90
CA THR B 178 -3.66 6.60 8.83
C THR B 178 -2.14 6.41 8.75
N PHE B 179 -1.42 7.41 9.24
CA PHE B 179 0.04 7.43 9.33
C PHE B 179 0.48 7.67 10.78
N GLN B 180 1.76 7.43 11.04
CA GLN B 180 2.39 7.92 12.27
C GLN B 180 3.84 8.24 11.99
N VAL B 181 4.44 9.04 12.87
CA VAL B 181 5.86 9.39 12.77
C VAL B 181 6.38 9.68 14.15
N LEU B 182 7.66 9.37 14.37
CA LEU B 182 8.36 9.72 15.61
C LEU B 182 9.38 10.80 15.31
N VAL B 183 9.43 11.82 16.16
CA VAL B 183 10.35 12.94 16.01
C VAL B 183 11.11 13.08 17.31
N MET B 184 12.44 13.03 17.23
CA MET B 184 13.31 12.96 18.40
C MET B 184 14.07 14.26 18.56
N LEU B 185 14.32 14.63 19.81
CA LEU B 185 15.09 15.83 20.15
C LEU B 185 16.23 15.47 21.07
N GLU B 186 17.46 15.75 20.63
CA GLU B 186 18.63 15.65 21.50
C GLU B 186 18.62 16.78 22.51
N MET B 187 18.55 16.43 23.81
CA MET B 187 18.40 17.43 24.86
C MET B 187 19.07 16.95 26.13
N THR B 188 19.38 17.91 27.00
CA THR B 188 19.88 17.65 28.34
C THR B 188 18.94 18.31 29.34
N PRO B 189 18.25 17.56 30.19
CA PRO B 189 17.25 18.18 31.08
C PRO B 189 17.90 19.05 32.14
N HIS B 190 17.37 20.26 32.31
CA HIS B 190 17.73 21.16 33.38
C HIS B 190 16.48 21.61 34.10
N GLN B 191 16.57 21.81 35.39
CA GLN B 191 15.46 22.37 36.12
C GLN B 191 15.48 23.80 35.67
N GLY B 192 14.34 24.35 35.28
CA GLY B 192 13.16 23.53 35.09
C GLY B 192 12.55 23.87 33.74
N GLU B 193 13.34 23.62 32.69
CA GLU B 193 12.96 23.98 31.33
C GLU B 193 11.61 23.40 30.90
N VAL B 194 11.07 23.94 29.81
CA VAL B 194 9.86 23.43 29.17
C VAL B 194 10.22 23.08 27.74
N TYR B 195 9.91 21.86 27.33
CA TYR B 195 10.06 21.43 25.95
C TYR B 195 8.68 21.21 25.35
N THR B 196 8.51 21.64 24.09
CA THR B 196 7.21 21.54 23.44
C THR B 196 7.32 20.88 22.08
N CYS B 197 6.53 19.83 21.86
CA CYS B 197 6.33 19.26 20.54
C CYS B 197 5.11 19.94 19.91
N HIS B 198 5.25 20.40 18.68
CA HIS B 198 4.30 21.30 18.06
C HIS B 198 3.95 20.75 16.68
N VAL B 199 2.68 20.43 16.46
CA VAL B 199 2.28 19.67 15.27
C VAL B 199 1.28 20.50 14.47
N GLU B 200 1.60 20.73 13.20
CA GLU B 200 0.72 21.41 12.24
C GLU B 200 0.29 20.38 11.20
N HIS B 201 -1.01 20.35 10.92
CA HIS B 201 -1.56 19.32 10.04
C HIS B 201 -2.82 19.88 9.39
N PRO B 202 -3.14 19.50 8.15
CA PRO B 202 -4.34 20.06 7.50
C PRO B 202 -5.63 19.79 8.25
N SER B 203 -5.67 18.81 9.13
CA SER B 203 -6.87 18.59 9.92
C SER B 203 -7.00 19.55 11.09
N LEU B 204 -6.02 20.43 11.30
CA LEU B 204 -5.95 21.28 12.50
C LEU B 204 -5.90 22.74 12.08
N LYS B 205 -6.88 23.52 12.52
CA LYS B 205 -6.85 24.96 12.28
C LYS B 205 -5.66 25.62 12.97
N SER B 206 -5.41 25.26 14.23
CA SER B 206 -4.25 25.68 15.00
C SER B 206 -3.49 24.44 15.51
N PRO B 207 -2.19 24.55 15.75
CA PRO B 207 -1.40 23.36 16.09
C PRO B 207 -1.85 22.67 17.37
N ILE B 208 -1.52 21.38 17.45
CA ILE B 208 -1.58 20.64 18.71
C ILE B 208 -0.19 20.71 19.30
N THR B 209 -0.09 20.98 20.60
CA THR B 209 1.18 21.03 21.30
C THR B 209 1.10 20.16 22.54
N VAL B 210 2.22 19.55 22.90
CA VAL B 210 2.37 18.85 24.17
C VAL B 210 3.66 19.33 24.80
N GLU B 211 3.64 19.61 26.10
CA GLU B 211 4.82 20.06 26.83
C GLU B 211 5.37 18.94 27.69
N TRP B 212 6.68 18.97 27.89
CA TRP B 212 7.38 18.06 28.79
C TRP B 212 8.34 18.87 29.65
N ARG B 213 8.30 18.63 30.97
CA ARG B 213 9.09 19.37 31.94
C ARG B 213 9.95 18.42 32.76
N ALA B 214 11.21 18.81 32.95
CA ALA B 214 12.28 18.02 33.62
C ALA B 214 11.81 16.91 34.55
C1 NAG C . -0.36 -21.61 5.25
C2 NAG C . 0.58 -22.42 4.38
C3 NAG C . -0.15 -23.62 3.78
C4 NAG C . -0.85 -24.42 4.88
C5 NAG C . -1.74 -23.50 5.71
C6 NAG C . -2.42 -24.19 6.87
C7 NAG C . 2.45 -21.34 3.22
C8 NAG C . 2.85 -20.44 2.08
N2 NAG C . 1.15 -21.60 3.33
O3 NAG C . 0.79 -24.45 3.10
O4 NAG C . -1.65 -25.44 4.30
O5 NAG C . -0.95 -22.44 6.25
O6 NAG C . -1.48 -24.56 7.88
O7 NAG C . 3.28 -21.79 3.99
C1 NAG C . -1.27 -26.71 4.85
C2 NAG C . -2.40 -27.72 4.55
C3 NAG C . -1.99 -29.14 4.97
C4 NAG C . -0.62 -29.50 4.42
C5 NAG C . 0.38 -28.43 4.82
C6 NAG C . 1.77 -28.68 4.30
C7 NAG C . -4.66 -26.73 4.64
C8 NAG C . -5.82 -26.38 5.53
N2 NAG C . -3.61 -27.33 5.24
O3 NAG C . -2.97 -30.06 4.50
O4 NAG C . -0.20 -30.76 4.90
O5 NAG C . -0.04 -27.17 4.29
O6 NAG C . 1.99 -28.01 3.07
O7 NAG C . -4.65 -26.48 3.45
C1 NAG D . 14.81 -22.85 -22.96
C2 NAG D . 16.21 -22.50 -23.45
C3 NAG D . 16.97 -23.77 -23.81
C4 NAG D . 16.97 -24.73 -22.63
C5 NAG D . 15.55 -24.96 -22.11
C6 NAG D . 15.50 -25.77 -20.84
C7 NAG D . 15.57 -21.76 -25.73
C8 NAG D . 15.67 -20.64 -26.72
N2 NAG D . 16.19 -21.56 -24.56
O3 NAG D . 18.32 -23.44 -24.17
O4 NAG D . 17.54 -25.98 -23.02
O5 NAG D . 14.90 -23.71 -21.83
O6 NAG D . 15.69 -24.95 -19.70
O7 NAG D . 14.94 -22.78 -25.97
C1 IPA E . 7.73 0.35 -3.50
C2 IPA E . 6.58 0.27 -2.54
C3 IPA E . 7.01 0.79 -1.20
O2 IPA E . 5.55 1.08 -3.01
C1 IPA F . 0.89 -21.31 -18.87
C2 IPA F . 0.38 -21.13 -17.45
C3 IPA F . 1.48 -20.38 -16.70
O2 IPA F . -0.81 -20.39 -17.47
C1 IPA G . -7.79 4.28 12.42
C2 IPA G . -8.40 5.33 13.33
C3 IPA G . -7.25 5.91 14.15
O2 IPA G . -9.02 6.31 12.54
C1 EDO H . -8.31 -3.71 10.95
O1 EDO H . -9.64 -3.50 10.46
C2 EDO H . -7.33 -3.09 9.98
O2 EDO H . -7.32 -1.67 10.03
C1 EDO I . -2.41 -16.33 7.69
O1 EDO I . -3.56 -16.74 8.44
C2 EDO I . -2.83 -15.38 6.59
O2 EDO I . -1.74 -14.53 6.20
C1 EDO J . -7.62 -9.62 0.43
O1 EDO J . -7.58 -10.46 1.60
C2 EDO J . -8.05 -10.36 -0.83
O2 EDO J . -7.76 -9.53 -1.96
C1 NAG K . -4.03 24.79 -11.28
C2 NAG K . -3.19 25.98 -11.78
C3 NAG K . -4.07 27.19 -12.13
C4 NAG K . -5.20 26.76 -13.07
C5 NAG K . -5.99 25.64 -12.43
C6 NAG K . -7.12 25.14 -13.30
C7 NAG K . -0.86 26.25 -11.06
C8 NAG K . 0.06 26.68 -9.96
N2 NAG K . -2.17 26.36 -10.81
O3 NAG K . -3.28 28.19 -12.75
O4 NAG K . -6.06 27.87 -13.35
O5 NAG K . -5.11 24.52 -12.21
O6 NAG K . -7.01 23.75 -13.59
O7 NAG K . -0.44 25.84 -12.14
C1 IPA L . 7.04 0.65 7.28
C2 IPA L . 5.63 1.25 7.30
C3 IPA L . 5.52 2.43 6.35
O2 IPA L . 4.70 0.30 6.86
C1 EDO M . 2.16 -10.52 -29.80
O1 EDO M . 2.62 -10.70 -31.14
C2 EDO M . 0.64 -10.42 -29.80
O2 EDO M . 0.19 -9.87 -28.56
C1 EDO N . 10.29 0.56 -27.21
O1 EDO N . 11.28 0.86 -26.23
C2 EDO N . 10.91 0.41 -28.58
O2 EDO N . 10.20 1.24 -29.51
C1 EDO O . -14.49 11.16 3.68
O1 EDO O . -13.32 11.95 3.58
C2 EDO O . -15.67 12.10 3.58
O2 EDO O . -16.77 11.50 4.26
C1 EDO P . 13.01 -12.86 -20.81
O1 EDO P . 13.07 -12.04 -19.65
C2 EDO P . 12.33 -14.20 -20.55
O2 EDO P . 13.03 -14.93 -19.54
#